data_8BZM
#
_entry.id   8BZM
#
_cell.length_a   66.181
_cell.length_b   105.868
_cell.length_c   68.194
_cell.angle_alpha   90.00
_cell.angle_beta   112.94
_cell.angle_gamma   90.00
#
_symmetry.space_group_name_H-M   'P 1 21 1'
#
loop_
_entity.id
_entity.type
_entity.pdbx_description
1 polymer DNA
2 polymer 'Forkhead box protein K1'
3 polymer DNA
4 polymer 'ETS-related transcription factor Elf-1'
5 non-polymer GLYCEROL
6 water water
#
loop_
_entity_poly.entity_id
_entity_poly.type
_entity_poly.pdbx_seq_one_letter_code
_entity_poly.pdbx_strand_id
1 'polydeoxyribonucleotide' (DT)(DT)(DA)(DC)(DT)(DT)(DC)(DC)(DT)(DG)(DT)(DT)(DT)(DA)(DC)(DG)(DT) G,D
2 'polypeptide(L)'
;SKPPFSYAQLIVQAISSAQDRQLTLSGIYAHITKHYPYYRTADKGWQNSIRHNLSLNRYFIKVPRSQEEPGKGSFWRIDP
ASEAKLVEQAFRKRR
;
A,E,I,J
3 'polydeoxyribonucleotide' (DA)(DA)(DC)(DG)(DT)(DA)(DA)(DA)(DC)(DA)(DG)(DG)(DA)(DA)(DG)(DT)(DA)(DA) F,C
4 'polypeptide(L)'
;NTIYLWEFLLALLQDKATCPKYIKWTQREKGIFKLVDSKAVSRLWGKHKNKPDMNYETMGRALRYYYQRGILAKVEGQRL
VYQFKEMPK
;
B,H
#
loop_
_chem_comp.id
_chem_comp.type
_chem_comp.name
_chem_comp.formula
DA DNA linking 2'-DEOXYADENOSINE-5'-MONOPHOSPHATE 'C10 H14 N5 O6 P'
DC DNA linking 2'-DEOXYCYTIDINE-5'-MONOPHOSPHATE 'C9 H14 N3 O7 P'
DG DNA linking 2'-DEOXYGUANOSINE-5'-MONOPHOSPHATE 'C10 H14 N5 O7 P'
DT DNA linking THYMIDINE-5'-MONOPHOSPHATE 'C10 H15 N2 O8 P'
GOL non-polymer GLYCEROL 'C3 H8 O3'
#
# COMPACT_ATOMS: atom_id res chain seq x y z
N SER B 1 27.54 -31.67 -33.76
CA SER B 1 26.38 -32.49 -34.24
C SER B 1 25.31 -32.60 -33.13
N LYS B 2 24.04 -32.66 -33.53
CA LYS B 2 22.88 -32.71 -32.60
C LYS B 2 22.91 -34.02 -31.81
N PRO B 3 23.05 -33.95 -30.47
CA PRO B 3 22.95 -35.15 -29.63
C PRO B 3 21.69 -35.97 -29.93
N PRO B 4 21.83 -37.29 -30.17
CA PRO B 4 20.68 -38.15 -30.38
C PRO B 4 20.03 -38.53 -29.03
N PHE B 5 19.38 -37.56 -28.39
CA PHE B 5 18.54 -37.77 -27.17
C PHE B 5 17.31 -36.86 -27.26
N SER B 6 16.23 -37.26 -26.59
CA SER B 6 14.99 -36.46 -26.47
C SER B 6 15.20 -35.39 -25.39
N TYR B 7 14.70 -34.18 -25.59
CA TYR B 7 14.78 -33.06 -24.63
C TYR B 7 14.48 -33.58 -23.23
N ALA B 8 13.45 -34.42 -23.15
CA ALA B 8 13.01 -35.02 -21.87
C ALA B 8 14.18 -35.82 -21.30
N GLN B 9 14.80 -36.61 -22.17
CA GLN B 9 15.93 -37.47 -21.77
C GLN B 9 17.05 -36.62 -21.20
N LEU B 10 17.35 -35.53 -21.89
CA LEU B 10 18.40 -34.58 -21.49
C LEU B 10 18.12 -34.04 -20.10
N ILE B 11 16.86 -33.66 -19.91
CA ILE B 11 16.37 -33.09 -18.64
C ILE B 11 16.61 -34.10 -17.52
N VAL B 12 16.22 -35.32 -17.82
CA VAL B 12 16.34 -36.46 -16.86
C VAL B 12 17.79 -36.62 -16.44
N GLN B 13 18.65 -36.60 -17.45
CA GLN B 13 20.11 -36.76 -17.29
C GLN B 13 20.60 -35.70 -16.32
N ALA B 14 20.20 -34.47 -16.62
CA ALA B 14 20.60 -33.27 -15.85
C ALA B 14 20.23 -33.48 -14.40
N ILE B 15 18.98 -33.89 -14.22
CA ILE B 15 18.40 -34.08 -12.86
C ILE B 15 19.23 -35.12 -12.10
N SER B 16 19.55 -36.20 -12.79
CA SER B 16 20.32 -37.31 -12.20
C SER B 16 21.69 -36.81 -11.75
N SER B 17 22.29 -36.01 -12.62
CA SER B 17 23.62 -35.43 -12.35
C SER B 17 23.58 -34.60 -11.07
N ALA B 18 22.52 -33.81 -10.83
CA ALA B 18 22.38 -32.97 -9.61
C ALA B 18 22.59 -33.81 -8.35
N GLN B 19 23.18 -33.20 -7.33
CA GLN B 19 23.60 -33.86 -6.06
C GLN B 19 22.38 -34.27 -5.25
N ASP B 20 21.29 -33.49 -5.29
CA ASP B 20 20.07 -33.73 -4.47
C ASP B 20 18.93 -34.26 -5.35
N ARG B 21 19.22 -34.51 -6.63
CA ARG B 21 18.24 -34.96 -7.66
C ARG B 21 17.25 -33.82 -7.97
N GLN B 22 17.73 -32.56 -7.91
CA GLN B 22 16.95 -31.33 -8.23
C GLN B 22 17.76 -30.40 -9.14
N LEU B 23 17.10 -29.51 -9.87
CA LEU B 23 17.78 -28.45 -10.66
C LEU B 23 16.79 -27.34 -11.02
N THR B 24 17.29 -26.11 -11.04
CA THR B 24 16.59 -24.93 -11.59
C THR B 24 16.70 -25.00 -13.11
N LEU B 25 15.72 -24.43 -13.82
CA LEU B 25 15.72 -24.35 -15.31
C LEU B 25 17.11 -23.94 -15.78
N SER B 26 17.62 -22.91 -15.15
CA SER B 26 18.96 -22.35 -15.46
C SER B 26 20.01 -23.45 -15.30
N GLY B 27 19.90 -24.17 -14.18
CA GLY B 27 20.83 -25.25 -13.85
C GLY B 27 20.81 -26.31 -14.93
N ILE B 28 19.60 -26.66 -15.34
CA ILE B 28 19.35 -27.67 -16.39
C ILE B 28 20.05 -27.26 -17.65
N TYR B 29 19.84 -26.00 -18.00
CA TYR B 29 20.40 -25.35 -19.23
C TYR B 29 21.89 -25.58 -19.20
N ALA B 30 22.47 -25.17 -18.07
CA ALA B 30 23.93 -25.17 -17.82
C ALA B 30 24.47 -26.57 -18.06
N HIS B 31 23.77 -27.53 -17.45
CA HIS B 31 24.15 -28.96 -17.50
C HIS B 31 24.23 -29.42 -18.95
N ILE B 32 23.21 -29.03 -19.70
CA ILE B 32 23.06 -29.40 -21.12
C ILE B 32 24.25 -28.81 -21.91
N THR B 33 24.51 -27.53 -21.67
CA THR B 33 25.51 -26.79 -22.43
C THR B 33 26.89 -27.40 -22.17
N LYS B 34 27.15 -27.70 -20.92
CA LYS B 34 28.47 -28.24 -20.54
C LYS B 34 28.61 -29.61 -21.18
N HIS B 35 27.53 -30.40 -21.16
CA HIS B 35 27.64 -31.76 -21.69
C HIS B 35 27.84 -31.69 -23.22
N TYR B 36 27.01 -30.92 -23.91
CA TYR B 36 26.88 -30.94 -25.38
C TYR B 36 27.04 -29.52 -25.91
N PRO B 37 28.12 -29.23 -26.66
CA PRO B 37 28.43 -27.87 -27.09
C PRO B 37 27.50 -27.37 -28.21
N TYR B 38 26.82 -28.29 -28.89
CA TYR B 38 25.86 -28.03 -30.00
C TYR B 38 24.77 -27.06 -29.52
N TYR B 39 24.36 -27.19 -28.25
CA TYR B 39 23.31 -26.36 -27.61
C TYR B 39 23.95 -25.12 -26.96
N ARG B 40 24.31 -24.14 -27.80
CA ARG B 40 24.86 -22.82 -27.37
C ARG B 40 23.71 -21.95 -26.82
N THR B 41 23.85 -21.45 -25.59
CA THR B 41 22.85 -20.55 -24.91
C THR B 41 22.49 -19.39 -25.85
N ALA B 42 23.40 -19.05 -26.77
CA ALA B 42 23.26 -18.03 -27.84
C ALA B 42 21.84 -18.08 -28.45
N ASP B 43 21.47 -19.22 -29.05
CA ASP B 43 20.13 -19.47 -29.64
C ASP B 43 19.22 -20.07 -28.54
N LYS B 44 17.97 -19.61 -28.46
CA LYS B 44 17.04 -19.84 -27.32
C LYS B 44 15.97 -20.88 -27.63
N GLY B 45 15.87 -21.30 -28.89
CA GLY B 45 14.86 -22.25 -29.32
C GLY B 45 14.86 -23.52 -28.48
N TRP B 46 16.04 -24.09 -28.31
CA TRP B 46 16.15 -25.35 -27.53
C TRP B 46 15.73 -25.11 -26.09
N GLN B 47 16.09 -23.97 -25.54
CA GLN B 47 15.71 -23.59 -24.17
C GLN B 47 14.19 -23.63 -24.07
N ASN B 48 13.55 -23.00 -25.04
CA ASN B 48 12.07 -22.96 -25.11
C ASN B 48 11.52 -24.37 -25.14
N SER B 49 12.16 -25.21 -25.95
CA SER B 49 11.73 -26.61 -26.09
C SER B 49 11.76 -27.30 -24.73
N ILE B 50 12.85 -27.09 -24.03
CA ILE B 50 13.11 -27.67 -22.70
C ILE B 50 12.00 -27.25 -21.75
N ARG B 51 11.71 -25.95 -21.78
CA ARG B 51 10.67 -25.35 -20.92
C ARG B 51 9.33 -26.03 -21.18
N HIS B 52 9.03 -26.18 -22.46
CA HIS B 52 7.78 -26.81 -22.95
C HIS B 52 7.66 -28.21 -22.37
N ASN B 53 8.76 -28.93 -22.49
CA ASN B 53 8.87 -30.34 -22.05
C ASN B 53 8.56 -30.41 -20.56
N LEU B 54 9.19 -29.50 -19.83
CA LEU B 54 9.06 -29.42 -18.36
C LEU B 54 7.59 -29.24 -18.01
N SER B 55 6.98 -28.30 -18.72
CA SER B 55 5.58 -27.92 -18.48
C SER B 55 4.67 -29.13 -18.71
N LEU B 56 4.96 -29.85 -19.78
CA LEU B 56 4.14 -30.99 -20.21
C LEU B 56 4.25 -32.24 -19.32
N ASN B 57 5.43 -32.88 -19.34
CA ASN B 57 5.65 -34.25 -18.80
C ASN B 57 5.27 -34.27 -17.32
N ARG B 58 4.27 -35.09 -16.96
CA ARG B 58 3.70 -35.19 -15.59
C ARG B 58 4.77 -35.73 -14.62
N TYR B 59 5.78 -36.45 -15.12
CA TYR B 59 6.83 -37.09 -14.30
C TYR B 59 7.93 -36.08 -13.93
N PHE B 60 7.95 -34.89 -14.53
CA PHE B 60 8.68 -33.70 -14.04
C PHE B 60 7.78 -32.95 -13.03
N ILE B 61 8.20 -32.89 -11.77
CA ILE B 61 7.48 -32.22 -10.65
C ILE B 61 8.25 -30.96 -10.21
N LYS B 62 7.55 -29.87 -9.90
CA LYS B 62 8.07 -28.52 -9.60
C LYS B 62 8.20 -28.33 -8.08
N VAL B 63 9.34 -27.83 -7.58
CA VAL B 63 9.60 -27.54 -6.13
C VAL B 63 9.76 -26.04 -5.94
N PRO B 64 9.32 -25.43 -4.82
CA PRO B 64 9.65 -24.03 -4.51
C PRO B 64 11.12 -23.85 -4.10
N ARG B 65 11.76 -22.76 -4.54
CA ARG B 65 13.21 -22.49 -4.29
C ARG B 65 13.35 -21.82 -2.91
N SER B 66 14.58 -21.47 -2.52
CA SER B 66 14.98 -21.06 -1.15
C SER B 66 15.58 -19.64 -1.15
N GLN B 67 16.02 -19.18 0.03
CA GLN B 67 16.72 -17.89 0.27
C GLN B 67 18.22 -18.15 0.40
N GLU B 68 18.71 -19.33 0.00
CA GLU B 68 20.17 -19.65 0.00
C GLU B 68 20.85 -18.95 -1.18
N GLU B 69 20.13 -18.76 -2.29
CA GLU B 69 20.62 -18.03 -3.50
C GLU B 69 19.43 -17.59 -4.36
N PRO B 70 18.62 -16.59 -3.90
CA PRO B 70 17.45 -16.15 -4.65
C PRO B 70 17.86 -15.39 -5.92
N GLY B 71 17.72 -16.08 -7.06
CA GLY B 71 18.03 -15.60 -8.41
C GLY B 71 16.84 -15.81 -9.32
N LYS B 72 16.77 -16.96 -10.00
CA LYS B 72 15.78 -17.24 -11.08
C LYS B 72 15.12 -18.61 -10.86
N GLY B 73 13.82 -18.61 -10.58
CA GLY B 73 12.91 -19.74 -10.87
C GLY B 73 12.71 -20.66 -9.69
N SER B 74 12.08 -21.82 -9.92
CA SER B 74 11.87 -22.91 -8.93
C SER B 74 12.76 -24.10 -9.28
N PHE B 75 12.80 -25.10 -8.39
CA PHE B 75 13.56 -26.37 -8.55
C PHE B 75 12.67 -27.41 -9.25
N TRP B 76 13.28 -28.24 -10.10
CA TRP B 76 12.65 -29.37 -10.84
C TRP B 76 13.26 -30.69 -10.38
N ARG B 77 12.43 -31.70 -10.09
CA ARG B 77 12.87 -33.09 -9.78
C ARG B 77 12.03 -34.07 -10.59
N ILE B 78 12.38 -35.36 -10.55
CA ILE B 78 11.67 -36.44 -11.28
C ILE B 78 10.74 -37.18 -10.29
N ASP B 79 9.52 -37.50 -10.74
CA ASP B 79 8.50 -38.21 -9.93
C ASP B 79 9.04 -39.59 -9.58
N PRO B 80 9.28 -39.88 -8.28
CA PRO B 80 9.80 -41.18 -7.86
C PRO B 80 9.08 -42.36 -8.52
N ALA B 81 7.76 -42.25 -8.69
CA ALA B 81 6.87 -43.26 -9.32
C ALA B 81 7.58 -43.99 -10.46
N SER B 82 8.12 -43.24 -11.42
CA SER B 82 8.70 -43.76 -12.69
C SER B 82 10.09 -43.15 -12.94
N GLU B 83 10.86 -42.90 -11.86
CA GLU B 83 12.11 -42.12 -11.95
C GLU B 83 13.21 -43.04 -12.49
N ALA B 84 13.27 -44.22 -11.87
CA ALA B 84 14.38 -45.17 -12.03
C ALA B 84 14.52 -45.53 -13.51
N LYS B 85 13.38 -45.89 -14.07
CA LYS B 85 13.28 -46.33 -15.48
C LYS B 85 13.79 -45.22 -16.39
N LEU B 86 13.33 -44.01 -16.09
CA LEU B 86 13.70 -42.82 -16.88
C LEU B 86 15.21 -42.64 -16.86
N VAL B 87 15.76 -42.76 -15.66
CA VAL B 87 17.21 -42.60 -15.40
C VAL B 87 17.98 -43.61 -16.25
N GLU B 88 17.49 -44.84 -16.23
CA GLU B 88 18.11 -45.97 -16.92
C GLU B 88 18.15 -45.61 -18.40
N GLN B 89 17.00 -45.16 -18.93
CA GLN B 89 16.83 -45.05 -20.37
C GLN B 89 17.44 -43.72 -20.80
N ALA B 90 17.67 -42.81 -19.84
CA ALA B 90 18.09 -41.41 -20.04
C ALA B 90 19.27 -41.30 -21.03
N PHE B 91 20.12 -42.33 -21.11
CA PHE B 91 21.36 -42.30 -21.95
C PHE B 91 21.24 -43.25 -23.15
N ARG B 92 20.04 -43.75 -23.44
CA ARG B 92 19.77 -44.68 -24.57
C ARG B 92 19.64 -43.88 -25.87
N LYS B 93 20.69 -43.87 -26.69
CA LYS B 93 20.82 -43.07 -27.94
C LYS B 93 19.75 -43.51 -28.94
N ARG B 94 19.57 -42.74 -30.03
CA ARG B 94 18.53 -42.94 -31.09
C ARG B 94 19.18 -43.56 -32.35
N SER C 1 -5.93 39.95 3.52
CA SER C 1 -6.87 38.81 3.38
C SER C 1 -7.29 38.29 4.77
N LYS C 2 -6.37 38.21 5.73
CA LYS C 2 -6.63 37.75 7.12
C LYS C 2 -7.57 38.74 7.82
N PRO C 3 -8.78 38.31 8.21
CA PRO C 3 -9.68 39.16 8.98
C PRO C 3 -9.02 39.79 10.21
N PRO C 4 -9.09 41.12 10.37
CA PRO C 4 -8.56 41.77 11.56
C PRO C 4 -9.52 41.63 12.75
N PHE C 5 -9.64 40.41 13.28
CA PHE C 5 -10.38 40.10 14.53
C PHE C 5 -9.61 39.04 15.33
N SER C 6 -9.81 39.01 16.65
CA SER C 6 -9.25 37.97 17.54
C SER C 6 -10.11 36.70 17.44
N TYR C 7 -9.49 35.53 17.43
CA TYR C 7 -10.19 34.21 17.38
C TYR C 7 -11.38 34.24 18.33
N ALA C 8 -11.16 34.80 19.51
CA ALA C 8 -12.21 34.92 20.54
C ALA C 8 -13.36 35.75 19.98
N GLN C 9 -13.00 36.85 19.33
CA GLN C 9 -13.99 37.77 18.75
C GLN C 9 -14.84 37.02 17.71
N LEU C 10 -14.14 36.26 16.88
CA LEU C 10 -14.79 35.46 15.81
C LEU C 10 -15.80 34.51 16.44
N ILE C 11 -15.36 33.84 17.49
CA ILE C 11 -16.17 32.86 18.22
C ILE C 11 -17.44 33.53 18.72
N VAL C 12 -17.24 34.69 19.32
CA VAL C 12 -18.32 35.51 19.90
C VAL C 12 -19.35 35.82 18.83
N GLN C 13 -18.83 36.27 17.69
CA GLN C 13 -19.63 36.65 16.50
C GLN C 13 -20.51 35.47 16.12
N ALA C 14 -19.86 34.32 16.01
CA ALA C 14 -20.49 33.06 15.58
C ALA C 14 -21.66 32.77 16.51
N ILE C 15 -21.36 32.87 17.80
CA ILE C 15 -22.33 32.55 18.86
C ILE C 15 -23.54 33.46 18.71
N SER C 16 -23.26 34.73 18.50
CA SER C 16 -24.31 35.76 18.37
C SER C 16 -25.20 35.43 17.17
N SER C 17 -24.56 35.06 16.08
CA SER C 17 -25.27 34.68 14.84
C SER C 17 -26.24 33.53 15.12
N ALA C 18 -25.86 32.52 15.91
CA ALA C 18 -26.71 31.36 16.24
C ALA C 18 -28.07 31.84 16.76
N GLN C 19 -29.12 31.07 16.45
CA GLN C 19 -30.54 31.44 16.72
C GLN C 19 -30.81 31.35 18.23
N ASP C 20 -30.14 30.41 18.93
CA ASP C 20 -30.39 30.14 20.36
C ASP C 20 -29.21 30.64 21.20
N ARG C 21 -28.25 31.37 20.57
CA ARG C 21 -27.02 31.89 21.21
C ARG C 21 -26.11 30.71 21.63
N GLN C 22 -26.12 29.62 20.85
CA GLN C 22 -25.28 28.39 21.06
C GLN C 22 -24.66 27.94 19.74
N LEU C 23 -23.57 27.17 19.80
CA LEU C 23 -22.97 26.53 18.60
C LEU C 23 -22.04 25.39 19.02
N THR C 24 -22.01 24.34 18.21
CA THR C 24 -21.00 23.24 18.28
C THR C 24 -19.73 23.76 17.62
N LEU C 25 -18.58 23.21 18.04
CA LEU C 25 -17.26 23.56 17.46
C LEU C 25 -17.37 23.58 15.95
N SER C 26 -17.99 22.53 15.42
CA SER C 26 -18.21 22.35 13.97
C SER C 26 -18.99 23.54 13.43
N GLY C 27 -20.05 23.89 14.16
CA GLY C 27 -20.93 25.00 13.79
C GLY C 27 -20.15 26.29 13.70
N ILE C 28 -19.32 26.50 14.72
CA ILE C 28 -18.47 27.69 14.84
C ILE C 28 -17.58 27.80 13.61
N TYR C 29 -16.96 26.67 13.30
CA TYR C 29 -16.00 26.51 12.17
C TYR C 29 -16.73 27.02 10.93
N ALA C 30 -17.90 26.41 10.74
CA ALA C 30 -18.75 26.63 9.54
C ALA C 30 -19.02 28.11 9.38
N HIS C 31 -19.42 28.71 10.51
CA HIS C 31 -19.80 30.13 10.58
C HIS C 31 -18.64 30.99 10.10
N ILE C 32 -17.46 30.64 10.61
CA ILE C 32 -16.21 31.37 10.31
C ILE C 32 -15.93 31.27 8.80
N THR C 33 -16.03 30.04 8.29
CA THR C 33 -15.66 29.76 6.90
C THR C 33 -16.59 30.52 5.96
N LYS C 34 -17.87 30.49 6.28
CA LYS C 34 -18.88 31.16 5.42
C LYS C 34 -18.61 32.65 5.46
N HIS C 35 -18.30 33.17 6.65
CA HIS C 35 -18.13 34.64 6.76
C HIS C 35 -16.86 35.04 5.99
N TYR C 36 -15.75 34.36 6.24
CA TYR C 36 -14.39 34.77 5.81
C TYR C 36 -13.73 33.62 5.05
N PRO C 37 -13.50 33.77 3.72
CA PRO C 37 -13.01 32.67 2.90
C PRO C 37 -11.52 32.35 3.16
N TYR C 38 -10.80 33.28 3.77
CA TYR C 38 -9.36 33.17 4.13
C TYR C 38 -9.14 31.92 4.99
N TYR C 39 -10.09 31.59 5.86
CA TYR C 39 -10.07 30.44 6.79
C TYR C 39 -10.69 29.21 6.11
N ARG C 40 -9.93 28.60 5.19
CA ARG C 40 -10.33 27.36 4.45
C ARG C 40 -10.17 26.16 5.40
N THR C 41 -11.22 25.35 5.60
CA THR C 41 -11.21 24.14 6.48
C THR C 41 -10.03 23.24 6.09
N ALA C 42 -9.56 23.35 4.84
CA ALA C 42 -8.37 22.67 4.26
C ALA C 42 -7.22 22.64 5.28
N ASP C 43 -6.73 23.81 5.70
CA ASP C 43 -5.66 23.97 6.74
C ASP C 43 -6.33 24.04 8.12
N LYS C 44 -5.75 23.36 9.12
CA LYS C 44 -6.39 23.02 10.43
C LYS C 44 -5.87 23.89 11.57
N GLY C 45 -4.81 24.67 11.30
CA GLY C 45 -4.14 25.44 12.36
C GLY C 45 -5.11 26.36 13.05
N TRP C 46 -5.88 27.10 12.25
CA TRP C 46 -6.84 28.06 12.82
C TRP C 46 -7.88 27.34 13.65
N GLN C 47 -8.33 26.18 13.19
CA GLN C 47 -9.29 25.37 13.93
C GLN C 47 -8.74 25.07 15.31
N ASN C 48 -7.49 24.63 15.33
CA ASN C 48 -6.78 24.31 16.60
C ASN C 48 -6.80 25.54 17.48
N SER C 49 -6.49 26.70 16.87
CA SER C 49 -6.42 27.97 17.62
C SER C 49 -7.75 28.23 18.31
N ILE C 50 -8.81 28.05 17.54
CA ILE C 50 -10.20 28.27 17.97
C ILE C 50 -10.48 27.39 19.19
N ARG C 51 -10.13 26.11 19.06
N ARG C 51 -10.14 26.11 19.06
CA ARG C 51 -10.34 25.09 20.12
CA ARG C 51 -10.35 25.09 20.14
C ARG C 51 -9.61 25.55 21.39
C ARG C 51 -9.61 25.55 21.39
N HIS C 52 -8.36 26.01 21.22
CA HIS C 52 -7.49 26.49 22.33
C HIS C 52 -8.22 27.62 23.06
N ASN C 53 -8.71 28.55 22.24
CA ASN C 53 -9.39 29.76 22.74
C ASN C 53 -10.58 29.35 23.58
N LEU C 54 -11.34 28.42 23.04
CA LEU C 54 -12.58 27.91 23.69
C LEU C 54 -12.22 27.36 25.05
N SER C 55 -11.16 26.55 25.06
CA SER C 55 -10.69 25.86 26.27
C SER C 55 -10.30 26.88 27.33
N LEU C 56 -9.61 27.90 26.87
CA LEU C 56 -9.06 28.95 27.78
C LEU C 56 -10.12 29.89 28.38
N ASN C 57 -10.72 30.73 27.53
CA ASN C 57 -11.53 31.91 27.93
C ASN C 57 -12.68 31.43 28.84
N ARG C 58 -12.70 31.91 30.08
CA ARG C 58 -13.67 31.50 31.13
C ARG C 58 -15.09 31.95 30.74
N TYR C 59 -15.22 32.96 29.86
CA TYR C 59 -16.52 33.54 29.43
C TYR C 59 -17.15 32.69 28.31
N PHE C 60 -16.42 31.74 27.72
CA PHE C 60 -16.98 30.63 26.91
C PHE C 60 -17.35 29.48 27.84
N ILE C 61 -18.65 29.15 27.93
CA ILE C 61 -19.21 28.06 28.78
C ILE C 61 -19.72 26.91 27.89
N LYS C 62 -19.48 25.67 28.32
CA LYS C 62 -19.75 24.41 27.55
C LYS C 62 -21.11 23.83 27.96
N VAL C 63 -21.98 23.49 26.99
CA VAL C 63 -23.33 22.89 27.22
C VAL C 63 -23.30 21.44 26.73
N PRO C 64 -23.94 20.50 27.47
CA PRO C 64 -24.02 19.10 27.05
C PRO C 64 -24.96 18.90 25.86
N ARG C 65 -24.60 17.98 24.97
CA ARG C 65 -25.32 17.66 23.71
C ARG C 65 -26.62 16.93 24.04
N SER C 66 -27.54 16.88 23.06
CA SER C 66 -28.96 16.47 23.22
C SER C 66 -29.29 15.26 22.33
N GLN C 67 -30.58 14.87 22.32
CA GLN C 67 -31.15 13.82 21.43
C GLN C 67 -31.82 14.48 20.23
N GLU C 68 -31.68 15.80 20.05
CA GLU C 68 -32.19 16.55 18.86
C GLU C 68 -31.29 16.26 17.66
N GLU C 69 -29.99 16.09 17.87
CA GLU C 69 -28.98 15.73 16.83
C GLU C 69 -27.71 15.21 17.50
N PRO C 70 -27.72 14.00 18.11
CA PRO C 70 -26.54 13.48 18.82
C PRO C 70 -25.45 13.08 17.82
N GLY C 71 -24.42 13.91 17.68
CA GLY C 71 -23.32 13.77 16.71
C GLY C 71 -22.01 14.22 17.32
N LYS C 72 -21.31 15.13 16.64
CA LYS C 72 -19.92 15.56 17.00
C LYS C 72 -19.97 16.75 17.99
N GLY C 73 -19.58 16.50 19.24
CA GLY C 73 -19.19 17.54 20.21
C GLY C 73 -20.33 17.97 21.10
N SER C 74 -20.07 18.98 21.95
CA SER C 74 -21.05 19.68 22.81
C SER C 74 -21.29 21.10 22.28
N PHE C 75 -22.25 21.81 22.87
CA PHE C 75 -22.66 23.18 22.50
C PHE C 75 -21.85 24.18 23.33
N TRP C 76 -21.51 25.32 22.71
CA TRP C 76 -20.77 26.46 23.32
C TRP C 76 -21.68 27.70 23.33
N ARG C 77 -21.77 28.39 24.47
CA ARG C 77 -22.49 29.70 24.62
C ARG C 77 -21.58 30.67 25.36
N ILE C 78 -21.99 31.95 25.46
CA ILE C 78 -21.20 33.03 26.12
C ILE C 78 -21.78 33.27 27.53
N ASP C 79 -20.91 33.42 28.53
CA ASP C 79 -21.27 33.65 29.95
C ASP C 79 -22.01 34.97 30.04
N PRO C 80 -23.32 34.95 30.41
CA PRO C 80 -24.10 36.18 30.55
C PRO C 80 -23.37 37.30 31.28
N ALA C 81 -22.59 36.96 32.32
CA ALA C 81 -21.77 37.87 33.15
C ALA C 81 -21.20 39.02 32.31
N SER C 82 -20.50 38.70 31.22
CA SER C 82 -19.76 39.67 30.37
C SER C 82 -20.08 39.45 28.89
N GLU C 83 -21.33 39.07 28.57
CA GLU C 83 -21.70 38.61 27.21
C GLU C 83 -21.88 39.84 26.33
N ALA C 84 -22.63 40.79 26.88
CA ALA C 84 -23.17 41.94 26.14
C ALA C 84 -22.00 42.73 25.53
N LYS C 85 -21.05 42.99 26.41
CA LYS C 85 -19.84 43.79 26.07
C LYS C 85 -19.10 43.11 24.93
N LEU C 86 -18.95 41.80 25.08
CA LEU C 86 -18.23 40.96 24.10
C LEU C 86 -18.91 41.09 22.74
N VAL C 87 -20.22 40.97 22.77
CA VAL C 87 -21.08 41.04 21.57
C VAL C 87 -20.86 42.38 20.87
N GLU C 88 -20.87 43.42 21.67
CA GLU C 88 -20.73 44.81 21.20
C GLU C 88 -19.39 44.88 20.47
N GLN C 89 -18.34 44.41 21.14
CA GLN C 89 -16.97 44.67 20.68
C GLN C 89 -16.63 43.64 19.61
N ALA C 90 -17.44 42.58 19.49
CA ALA C 90 -17.22 41.40 18.62
C ALA C 90 -16.80 41.80 17.20
N PHE C 91 -17.25 42.96 16.72
CA PHE C 91 -17.00 43.42 15.32
C PHE C 91 -16.05 44.62 15.28
N ARG C 92 -15.35 44.91 16.39
CA ARG C 92 -14.41 46.05 16.52
C ARG C 92 -13.05 45.68 15.90
N LYS C 93 -12.79 46.15 14.67
CA LYS C 93 -11.60 45.79 13.84
C LYS C 93 -10.31 46.22 14.56
N ARG C 94 -9.16 45.70 14.14
CA ARG C 94 -7.90 45.97 14.89
C ARG C 94 -7.11 47.13 14.27
N ARG C 95 -6.40 47.88 15.10
CA ARG C 95 -5.61 49.03 14.63
C ARG C 95 -4.33 48.53 13.98
N SER G 1 -17.77 6.91 -4.16
CA SER G 1 -19.21 7.10 -3.76
C SER G 1 -19.51 6.32 -2.47
N LYS G 2 -18.64 6.44 -1.46
CA LYS G 2 -18.76 5.74 -0.16
C LYS G 2 -19.98 6.28 0.58
N PRO G 3 -20.98 5.43 0.87
CA PRO G 3 -22.15 5.86 1.64
C PRO G 3 -21.76 6.51 2.96
N PRO G 4 -22.29 7.71 3.26
CA PRO G 4 -22.08 8.32 4.57
C PRO G 4 -23.02 7.70 5.62
N PHE G 5 -22.75 6.44 5.98
CA PHE G 5 -23.41 5.73 7.10
C PHE G 5 -22.37 4.86 7.83
N SER G 6 -22.60 4.61 9.12
CA SER G 6 -21.76 3.70 9.93
C SER G 6 -22.18 2.25 9.61
N TYR G 7 -21.22 1.33 9.52
CA TYR G 7 -21.48 -0.11 9.29
C TYR G 7 -22.65 -0.56 10.13
N ALA G 8 -22.66 -0.12 11.38
CA ALA G 8 -23.73 -0.44 12.34
C ALA G 8 -25.06 0.03 11.78
N GLN G 9 -25.06 1.26 11.28
CA GLN G 9 -26.26 1.89 10.72
C GLN G 9 -26.78 1.06 9.56
N LEU G 10 -25.86 0.65 8.71
CA LEU G 10 -26.16 -0.15 7.51
C LEU G 10 -26.84 -1.45 7.93
N ILE G 11 -26.25 -2.07 8.95
CA ILE G 11 -26.73 -3.36 9.50
C ILE G 11 -28.17 -3.18 9.97
N VAL G 12 -28.37 -2.10 10.71
CA VAL G 12 -29.69 -1.76 11.29
C VAL G 12 -30.72 -1.64 10.17
N GLN G 13 -30.32 -0.92 9.13
CA GLN G 13 -31.16 -0.64 7.95
C GLN G 13 -31.60 -1.98 7.36
N ALA G 14 -30.60 -2.84 7.18
CA ALA G 14 -30.78 -4.17 6.55
C ALA G 14 -31.82 -4.95 7.36
N ILE G 15 -31.62 -4.93 8.67
CA ILE G 15 -32.47 -5.67 9.61
C ILE G 15 -33.91 -5.18 9.47
N SER G 16 -34.05 -3.86 9.42
CA SER G 16 -35.37 -3.23 9.32
C SER G 16 -36.06 -3.66 8.04
N SER G 17 -35.28 -3.66 6.96
CA SER G 17 -35.78 -4.07 5.63
C SER G 17 -36.33 -5.50 5.69
N ALA G 18 -35.67 -6.43 6.38
CA ALA G 18 -36.11 -7.84 6.51
C ALA G 18 -37.57 -7.90 6.96
N GLN G 19 -38.31 -8.89 6.47
CA GLN G 19 -39.78 -9.02 6.69
C GLN G 19 -40.04 -9.45 8.13
N ASP G 20 -39.12 -10.21 8.74
CA ASP G 20 -39.29 -10.78 10.10
C ASP G 20 -38.37 -10.06 11.09
N ARG G 21 -37.71 -8.97 10.65
CA ARG G 21 -36.81 -8.13 11.49
C ARG G 21 -35.55 -8.94 11.87
N GLN G 22 -35.11 -9.84 10.99
CA GLN G 22 -33.95 -10.76 11.14
C GLN G 22 -33.18 -10.83 9.83
N LEU G 23 -31.91 -11.21 9.89
CA LEU G 23 -31.09 -11.46 8.66
C LEU G 23 -29.86 -12.30 9.01
N THR G 24 -29.47 -13.17 8.08
CA THR G 24 -28.18 -13.89 8.09
C THR G 24 -27.12 -12.92 7.59
N LEU G 25 -25.88 -13.12 8.03
CA LEU G 25 -24.70 -12.33 7.60
C LEU G 25 -24.77 -12.14 6.08
N SER G 26 -25.00 -13.25 5.40
CA SER G 26 -25.10 -13.29 3.93
C SER G 26 -26.19 -12.33 3.48
N GLY G 27 -27.34 -12.43 4.14
CA GLY G 27 -28.50 -11.61 3.84
C GLY G 27 -28.17 -10.14 3.95
N ILE G 28 -27.50 -9.83 5.05
CA ILE G 28 -27.06 -8.45 5.39
C ILE G 28 -26.21 -7.92 4.26
N TYR G 29 -25.25 -8.74 3.87
CA TYR G 29 -24.25 -8.44 2.81
C TYR G 29 -25.03 -8.04 1.58
N ALA G 30 -25.96 -8.94 1.22
CA ALA G 30 -26.77 -8.83 -0.01
C ALA G 30 -27.49 -7.49 -0.02
N HIS G 31 -28.11 -7.21 1.12
CA HIS G 31 -28.92 -5.99 1.33
C HIS G 31 -28.07 -4.77 1.03
N ILE G 32 -26.87 -4.80 1.61
CA ILE G 32 -25.89 -3.70 1.49
C ILE G 32 -25.52 -3.49 0.02
N THR G 33 -25.21 -4.61 -0.64
CA THR G 33 -24.70 -4.58 -2.01
C THR G 33 -25.76 -4.02 -2.93
N LYS G 34 -26.99 -4.48 -2.73
CA LYS G 34 -28.10 -4.06 -3.61
C LYS G 34 -28.34 -2.58 -3.37
N HIS G 35 -28.27 -2.14 -2.11
CA HIS G 35 -28.58 -0.73 -1.84
C HIS G 35 -27.46 0.15 -2.43
N TYR G 36 -26.20 -0.20 -2.15
CA TYR G 36 -25.03 0.67 -2.41
C TYR G 36 -24.01 -0.10 -3.23
N PRO G 37 -23.79 0.29 -4.51
CA PRO G 37 -22.93 -0.47 -5.41
C PRO G 37 -21.44 -0.35 -5.08
N TYR G 38 -21.08 0.67 -4.30
CA TYR G 38 -19.70 0.96 -3.82
C TYR G 38 -19.11 -0.26 -3.11
N TYR G 39 -19.95 -0.99 -2.37
CA TYR G 39 -19.57 -2.21 -1.59
C TYR G 39 -19.72 -3.45 -2.47
N ARG G 40 -18.77 -3.65 -3.39
CA ARG G 40 -18.69 -4.85 -4.27
C ARG G 40 -18.17 -6.04 -3.46
N THR G 41 -18.91 -7.16 -3.46
CA THR G 41 -18.53 -8.42 -2.76
C THR G 41 -17.10 -8.84 -3.16
N ALA G 42 -16.64 -8.38 -4.33
CA ALA G 42 -15.25 -8.53 -4.85
C ALA G 42 -14.22 -8.37 -3.72
N ASP G 43 -14.17 -7.20 -3.09
CA ASP G 43 -13.30 -6.89 -1.92
C ASP G 43 -14.04 -7.27 -0.63
N LYS G 44 -13.33 -7.88 0.32
CA LYS G 44 -13.90 -8.56 1.51
C LYS G 44 -13.73 -7.75 2.79
N GLY G 45 -12.93 -6.68 2.72
CA GLY G 45 -12.61 -5.86 3.90
C GLY G 45 -13.85 -5.36 4.57
N TRP G 46 -14.77 -4.80 3.79
CA TRP G 46 -16.01 -4.24 4.37
C TRP G 46 -16.82 -5.33 5.03
N GLN G 47 -16.86 -6.50 4.42
CA GLN G 47 -17.57 -7.67 4.97
C GLN G 47 -17.00 -7.98 6.35
N ASN G 48 -15.67 -8.03 6.42
CA ASN G 48 -14.97 -8.28 7.69
C ASN G 48 -15.41 -7.23 8.71
N SER G 49 -15.44 -5.97 8.27
CA SER G 49 -15.80 -4.85 9.14
C SER G 49 -17.18 -5.08 9.74
N ILE G 50 -18.09 -5.47 8.88
CA ILE G 50 -19.50 -5.74 9.21
C ILE G 50 -19.56 -6.81 10.29
N ARG G 51 -18.83 -7.89 10.05
N ARG G 51 -18.84 -7.90 10.05
CA ARG G 51 -18.77 -9.06 10.98
CA ARG G 51 -18.84 -9.15 10.96
CA ARG G 51 -18.80 -9.06 10.97
C ARG G 51 -18.28 -8.58 12.34
C ARG G 51 -18.27 -8.58 12.33
N HIS G 52 -17.23 -7.76 12.33
CA HIS G 52 -16.59 -7.19 13.54
C HIS G 52 -17.66 -6.43 14.35
N ASN G 53 -18.38 -5.59 13.60
CA ASN G 53 -19.42 -4.72 14.17
C ASN G 53 -20.45 -5.58 14.87
N LEU G 54 -20.88 -6.63 14.16
CA LEU G 54 -21.92 -7.55 14.63
C LEU G 54 -21.47 -8.15 15.96
N SER G 55 -20.22 -8.60 15.95
CA SER G 55 -19.60 -9.28 17.12
C SER G 55 -19.61 -8.33 18.32
N LEU G 56 -19.24 -7.10 18.04
CA LEU G 56 -19.07 -6.07 19.11
C LEU G 56 -20.40 -5.56 19.71
N ASN G 57 -21.19 -4.84 18.91
CA ASN G 57 -22.34 -4.04 19.37
C ASN G 57 -23.33 -4.94 20.13
N ARG G 58 -23.54 -4.67 21.42
CA ARG G 58 -24.39 -5.50 22.32
C ARG G 58 -25.86 -5.45 21.88
N TYR G 59 -26.27 -4.42 21.12
CA TYR G 59 -27.68 -4.25 20.66
C TYR G 59 -27.95 -5.09 19.41
N PHE G 60 -26.92 -5.65 18.77
CA PHE G 60 -27.05 -6.77 17.80
C PHE G 60 -27.03 -8.10 18.56
N ILE G 61 -28.14 -8.84 18.51
CA ILE G 61 -28.32 -10.16 19.20
C ILE G 61 -28.39 -11.28 18.15
N LYS G 62 -27.74 -12.41 18.44
CA LYS G 62 -27.56 -13.58 17.54
C LYS G 62 -28.66 -14.61 17.79
N VAL G 63 -29.31 -15.10 16.72
CA VAL G 63 -30.31 -16.20 16.81
C VAL G 63 -29.67 -17.46 16.24
N PRO G 64 -29.71 -18.58 17.00
CA PRO G 64 -29.17 -19.85 16.51
C PRO G 64 -30.07 -20.45 15.43
N ARG G 65 -29.47 -21.09 14.42
CA ARG G 65 -30.23 -21.81 13.36
C ARG G 65 -30.79 -23.10 13.92
N SER G 66 -31.76 -23.68 13.21
CA SER G 66 -32.67 -24.77 13.67
C SER G 66 -32.54 -25.98 12.72
N GLN G 67 -33.34 -27.03 12.97
CA GLN G 67 -33.53 -28.20 12.07
C GLN G 67 -34.73 -27.99 11.14
N GLU G 68 -35.41 -26.84 11.23
CA GLU G 68 -36.39 -26.34 10.22
C GLU G 68 -35.62 -25.82 9.00
N GLU G 69 -34.40 -25.28 9.19
CA GLU G 69 -33.55 -24.79 8.07
C GLU G 69 -32.07 -24.76 8.47
N PRO G 70 -31.40 -25.95 8.64
CA PRO G 70 -29.98 -25.98 9.00
C PRO G 70 -29.10 -25.54 7.82
N GLY G 71 -28.59 -24.31 7.88
CA GLY G 71 -27.86 -23.67 6.77
C GLY G 71 -26.62 -22.91 7.21
N LYS G 72 -26.17 -22.00 6.34
CA LYS G 72 -24.87 -21.28 6.47
C LYS G 72 -25.06 -20.00 7.30
N GLY G 73 -24.47 -19.98 8.49
CA GLY G 73 -24.53 -18.86 9.44
C GLY G 73 -25.69 -18.98 10.41
N SER G 74 -25.83 -18.02 11.32
CA SER G 74 -27.00 -17.83 12.23
C SER G 74 -27.75 -16.56 11.81
N PHE G 75 -28.90 -16.29 12.44
CA PHE G 75 -29.76 -15.10 12.20
C PHE G 75 -29.37 -13.99 13.17
N TRP G 76 -29.44 -12.73 12.72
CA TRP G 76 -29.14 -11.50 13.50
C TRP G 76 -30.40 -10.64 13.59
N ARG G 77 -30.74 -10.15 14.78
CA ARG G 77 -31.85 -9.18 15.02
C ARG G 77 -31.32 -8.05 15.90
N ILE G 78 -32.13 -7.00 16.11
CA ILE G 78 -31.78 -5.82 16.95
C ILE G 78 -32.47 -5.98 18.32
N ASP G 79 -31.75 -5.66 19.40
CA ASP G 79 -32.25 -5.73 20.81
C ASP G 79 -33.43 -4.78 20.95
N PRO G 80 -34.66 -5.29 21.19
CA PRO G 80 -35.84 -4.44 21.35
C PRO G 80 -35.59 -3.21 22.24
N ALA G 81 -34.83 -3.40 23.32
CA ALA G 81 -34.46 -2.36 24.32
C ALA G 81 -34.25 -0.99 23.65
N SER G 82 -33.40 -0.94 22.62
CA SER G 82 -32.97 0.31 21.94
C SER G 82 -33.10 0.18 20.42
N GLU G 83 -34.12 -0.54 19.94
CA GLU G 83 -34.24 -0.92 18.51
C GLU G 83 -34.78 0.30 17.76
N ALA G 84 -35.84 0.86 18.33
CA ALA G 84 -36.68 1.87 17.68
C ALA G 84 -35.81 3.07 17.31
N LYS G 85 -35.03 3.49 18.30
CA LYS G 85 -34.14 4.67 18.19
C LYS G 85 -33.17 4.43 17.04
N LEU G 86 -32.60 3.23 17.04
CA LEU G 86 -31.60 2.82 16.03
C LEU G 86 -32.21 2.93 14.65
N VAL G 87 -33.42 2.39 14.54
CA VAL G 87 -34.18 2.36 13.28
C VAL G 87 -34.37 3.78 12.77
N GLU G 88 -34.77 4.64 13.69
CA GLU G 88 -35.06 6.05 13.40
C GLU G 88 -33.79 6.66 12.82
N GLN G 89 -32.67 6.45 13.52
CA GLN G 89 -31.45 7.20 13.24
C GLN G 89 -30.75 6.50 12.07
N ALA G 90 -31.15 5.26 11.75
CA ALA G 90 -30.51 4.34 10.78
C ALA G 90 -30.19 5.05 9.45
N PHE G 91 -30.97 6.06 9.07
CA PHE G 91 -30.82 6.76 7.76
C PHE G 91 -30.34 8.21 7.95
N ARG G 92 -29.84 8.55 9.15
CA ARG G 92 -29.43 9.95 9.49
C ARG G 92 -28.01 10.20 8.95
N LYS G 93 -27.86 10.26 7.63
CA LYS G 93 -26.58 10.51 6.90
C LYS G 93 -25.48 10.90 7.91
N SER H 1 31.76 -4.56 -18.50
CA SER H 1 32.15 -3.30 -17.79
C SER H 1 31.07 -2.89 -16.78
N LYS H 2 29.79 -3.06 -17.11
CA LYS H 2 28.64 -2.76 -16.20
C LYS H 2 28.68 -3.69 -15.00
N PRO H 3 28.85 -3.16 -13.76
CA PRO H 3 28.77 -3.98 -12.55
C PRO H 3 27.53 -4.85 -12.51
N PRO H 4 27.67 -6.18 -12.29
CA PRO H 4 26.53 -7.06 -12.15
C PRO H 4 25.93 -6.95 -10.74
N PHE H 5 25.28 -5.82 -10.45
CA PHE H 5 24.48 -5.61 -9.22
C PHE H 5 23.22 -4.81 -9.57
N SER H 6 22.17 -4.94 -8.76
CA SER H 6 20.92 -4.15 -8.89
C SER H 6 21.16 -2.77 -8.26
N TYR H 7 20.65 -1.70 -8.88
CA TYR H 7 20.76 -0.32 -8.36
C TYR H 7 20.48 -0.32 -6.87
N ALA H 8 19.48 -1.08 -6.46
CA ALA H 8 19.10 -1.20 -5.04
C ALA H 8 20.29 -1.74 -4.25
N GLN H 9 20.91 -2.77 -4.81
CA GLN H 9 22.07 -3.43 -4.17
C GLN H 9 23.19 -2.41 -3.97
N LEU H 10 23.43 -1.64 -5.02
CA LEU H 10 24.48 -0.60 -5.02
C LEU H 10 24.21 0.40 -3.89
N ILE H 11 22.95 0.81 -3.82
CA ILE H 11 22.49 1.79 -2.82
C ILE H 11 22.78 1.25 -1.42
N VAL H 12 22.42 -0.02 -1.25
CA VAL H 12 22.58 -0.73 0.04
C VAL H 12 24.05 -0.72 0.44
N GLN H 13 24.88 -1.05 -0.53
CA GLN H 13 26.35 -1.12 -0.37
C GLN H 13 26.83 0.22 0.16
N ALA H 14 26.39 1.26 -0.56
CA ALA H 14 26.79 2.66 -0.28
C ALA H 14 26.45 3.00 1.17
N ILE H 15 25.22 2.65 1.52
CA ILE H 15 24.67 2.96 2.86
C ILE H 15 25.54 2.27 3.91
N SER H 16 25.86 1.01 3.65
CA SER H 16 26.67 0.21 4.59
C SER H 16 28.03 0.86 4.79
N SER H 17 28.61 1.29 3.67
CA SER H 17 29.92 1.96 3.68
C SER H 17 29.88 3.20 4.57
N ALA H 18 28.82 4.00 4.54
CA ALA H 18 28.68 5.23 5.37
C ALA H 18 28.95 4.90 6.85
N GLN H 19 29.55 5.85 7.57
CA GLN H 19 30.01 5.64 8.97
C GLN H 19 28.80 5.62 9.91
N ASP H 20 27.72 6.33 9.57
CA ASP H 20 26.51 6.46 10.43
C ASP H 20 25.35 5.66 9.83
N ARG H 21 25.61 4.87 8.77
CA ARG H 21 24.61 4.02 8.08
C ARG H 21 23.57 4.91 7.37
N GLN H 22 24.00 6.09 6.90
CA GLN H 22 23.18 7.12 6.21
C GLN H 22 23.94 7.67 5.01
N LEU H 23 23.23 8.23 4.02
CA LEU H 23 23.86 8.93 2.87
C LEU H 23 22.85 9.83 2.18
N THR H 24 23.33 10.98 1.70
CA THR H 24 22.59 11.86 0.77
C THR H 24 22.69 11.26 -0.62
N LEU H 25 21.70 11.54 -1.46
CA LEU H 25 21.67 11.12 -2.89
C LEU H 25 23.05 11.34 -3.50
N SER H 26 23.56 12.54 -3.28
CA SER H 26 24.88 12.97 -3.77
C SER H 26 25.94 12.01 -3.27
N GLY H 27 25.87 11.72 -1.97
CA GLY H 27 26.82 10.83 -1.30
C GLY H 27 26.82 9.46 -1.95
N ILE H 28 25.61 8.98 -2.18
CA ILE H 28 25.35 7.66 -2.81
C ILE H 28 26.04 7.61 -4.15
N TYR H 29 25.79 8.67 -4.92
CA TYR H 29 26.31 8.85 -6.30
C TYR H 29 27.82 8.67 -6.23
N ALA H 30 28.39 9.46 -5.32
CA ALA H 30 29.85 9.57 -5.14
C ALA H 30 30.43 8.18 -4.89
N HIS H 31 29.77 7.50 -3.95
CA HIS H 31 30.17 6.14 -3.51
C HIS H 31 30.25 5.21 -4.70
N ILE H 32 29.19 5.29 -5.51
CA ILE H 32 29.03 4.44 -6.72
C ILE H 32 30.18 4.72 -7.69
N THR H 33 30.43 6.02 -7.92
CA THR H 33 31.40 6.45 -8.91
C THR H 33 32.79 6.00 -8.51
N LYS H 34 33.09 6.16 -7.23
CA LYS H 34 34.43 5.80 -6.72
C LYS H 34 34.58 4.30 -6.85
N HIS H 35 33.52 3.55 -6.52
CA HIS H 35 33.65 2.09 -6.54
C HIS H 35 33.82 1.61 -7.99
N TYR H 36 32.95 2.08 -8.89
CA TYR H 36 32.79 1.54 -10.26
C TYR H 36 32.92 2.67 -11.26
N PRO H 37 33.99 2.68 -12.08
CA PRO H 37 34.26 3.80 -12.98
C PRO H 37 33.29 3.85 -14.18
N TYR H 38 32.62 2.72 -14.46
CA TYR H 38 31.62 2.56 -15.55
C TYR H 38 30.53 3.62 -15.42
N TYR H 39 30.15 3.97 -14.19
CA TYR H 39 29.09 4.97 -13.84
C TYR H 39 29.71 6.36 -13.72
N ARG H 40 30.05 6.98 -14.86
CA ARG H 40 30.58 8.36 -14.97
C ARG H 40 29.42 9.35 -14.75
N THR H 41 29.56 10.28 -13.80
CA THR H 41 28.56 11.35 -13.50
C THR H 41 28.18 12.09 -14.79
N ALA H 42 29.07 12.07 -15.80
CA ALA H 42 28.87 12.60 -17.18
C ALA H 42 27.44 12.30 -17.67
N ASP H 43 27.08 11.03 -17.79
CA ASP H 43 25.72 10.55 -18.18
C ASP H 43 24.86 10.41 -16.91
N LYS H 44 23.60 10.83 -16.97
CA LYS H 44 22.71 11.04 -15.79
C LYS H 44 21.65 9.95 -15.65
N GLY H 45 21.55 9.09 -16.65
CA GLY H 45 20.51 8.06 -16.71
C GLY H 45 20.55 7.18 -15.48
N TRP H 46 21.75 6.72 -15.13
CA TRP H 46 21.90 5.83 -13.96
C TRP H 46 21.50 6.55 -12.70
N GLN H 47 21.85 7.82 -12.59
CA GLN H 47 21.50 8.66 -11.44
C GLN H 47 19.98 8.66 -11.29
N ASN H 48 19.30 8.89 -12.41
CA ASN H 48 17.82 8.90 -12.45
C ASN H 48 17.32 7.57 -11.93
N SER H 49 17.94 6.49 -12.42
CA SER H 49 17.53 5.13 -12.05
C SER H 49 17.59 4.96 -10.54
N ILE H 50 18.70 5.41 -9.99
CA ILE H 50 19.02 5.34 -8.54
C ILE H 50 17.91 6.06 -7.77
N ARG H 51 17.60 7.28 -8.22
N ARG H 51 17.61 7.27 -8.20
CA ARG H 51 16.58 8.15 -7.57
CA ARG H 51 16.60 8.13 -7.54
C ARG H 51 15.24 7.40 -7.58
C ARG H 51 15.22 7.47 -7.60
N HIS H 52 14.91 6.80 -8.72
CA HIS H 52 13.65 6.03 -8.92
C HIS H 52 13.58 4.93 -7.87
N ASN H 53 14.68 4.20 -7.78
CA ASN H 53 14.83 3.04 -6.88
C ASN H 53 14.55 3.49 -5.46
N LEU H 54 15.19 4.60 -5.10
CA LEU H 54 15.11 5.17 -3.74
C LEU H 54 13.65 5.46 -3.42
N SER H 55 13.00 6.10 -4.38
CA SER H 55 11.60 6.53 -4.24
C SER H 55 10.72 5.31 -3.99
N LEU H 56 10.98 4.28 -4.78
CA LEU H 56 10.14 3.05 -4.75
C LEU H 56 10.32 2.17 -3.50
N ASN H 57 11.50 1.57 -3.35
CA ASN H 57 11.80 0.48 -2.38
C ASN H 57 11.44 0.93 -0.96
N ARG H 58 10.48 0.26 -0.32
CA ARG H 58 9.91 0.61 1.01
C ARG H 58 10.99 0.45 2.10
N TYR H 59 12.03 -0.36 1.86
CA TYR H 59 13.11 -0.65 2.86
C TYR H 59 14.17 0.46 2.82
N PHE H 60 14.15 1.35 1.82
CA PHE H 60 14.86 2.65 1.84
C PHE H 60 13.96 3.70 2.52
N ILE H 61 14.40 4.22 3.66
CA ILE H 61 13.67 5.22 4.49
C ILE H 61 14.43 6.57 4.42
N LYS H 62 13.66 7.66 4.32
CA LYS H 62 14.15 9.05 4.10
C LYS H 62 14.30 9.77 5.45
N VAL H 63 15.43 10.44 5.68
CA VAL H 63 15.66 11.27 6.89
C VAL H 63 15.65 12.73 6.45
N PRO H 64 14.85 13.58 7.13
CA PRO H 64 14.81 15.01 6.82
C PRO H 64 16.10 15.70 7.29
N ARG H 65 16.57 16.68 6.52
CA ARG H 65 17.75 17.52 6.88
C ARG H 65 17.36 18.48 8.02
N SER H 66 18.36 19.10 8.63
CA SER H 66 18.27 19.87 9.90
C SER H 66 18.65 21.34 9.68
N GLN H 67 18.64 22.15 10.75
CA GLN H 67 19.14 23.55 10.76
C GLN H 67 20.60 23.59 11.23
N GLU H 68 21.20 22.43 11.54
CA GLU H 68 22.66 22.26 11.71
C GLU H 68 23.34 22.28 10.33
N GLU H 69 22.65 21.81 9.27
CA GLU H 69 23.18 21.75 7.89
C GLU H 69 22.04 21.72 6.87
N PRO H 70 21.27 22.81 6.67
CA PRO H 70 20.23 22.82 5.63
C PRO H 70 20.86 22.91 4.23
N GLY H 71 20.90 21.77 3.53
CA GLY H 71 21.66 21.59 2.27
C GLY H 71 20.91 20.84 1.20
N LYS H 72 21.64 20.27 0.25
CA LYS H 72 21.14 19.67 -1.02
C LYS H 72 20.74 18.21 -0.81
N GLY H 73 19.43 17.93 -0.84
CA GLY H 73 18.83 16.60 -0.62
C GLY H 73 18.50 16.37 0.84
N SER H 74 17.93 15.18 1.14
CA SER H 74 17.75 14.60 2.50
C SER H 74 18.69 13.41 2.65
N PHE H 75 18.75 12.81 3.85
CA PHE H 75 19.56 11.61 4.17
C PHE H 75 18.72 10.35 3.95
N TRP H 76 19.37 9.28 3.47
CA TRP H 76 18.76 7.95 3.18
C TRP H 76 19.42 6.89 4.07
N ARG H 77 18.62 6.03 4.72
CA ARG H 77 19.11 4.86 5.51
C ARG H 77 18.29 3.64 5.10
N ILE H 78 18.69 2.44 5.57
CA ILE H 78 17.99 1.16 5.30
C ILE H 78 17.12 0.80 6.51
N ASP H 79 15.90 0.31 6.26
CA ASP H 79 14.92 -0.11 7.31
C ASP H 79 15.53 -1.25 8.12
N PRO H 80 15.82 -1.03 9.42
CA PRO H 80 16.40 -2.08 10.27
C PRO H 80 15.72 -3.45 10.11
N ALA H 81 14.39 -3.45 9.96
CA ALA H 81 13.53 -4.64 9.77
C ALA H 81 14.25 -5.71 8.94
N SER H 82 14.74 -5.34 7.75
CA SER H 82 15.31 -6.26 6.72
C SER H 82 16.67 -5.74 6.25
N GLU H 83 17.45 -5.11 7.12
CA GLU H 83 18.67 -4.36 6.72
C GLU H 83 19.79 -5.39 6.54
N ALA H 84 19.91 -6.26 7.53
CA ALA H 84 21.04 -7.18 7.70
C ALA H 84 21.16 -8.05 6.46
N LYS H 85 20.00 -8.60 6.09
CA LYS H 85 19.87 -9.53 4.94
C LYS H 85 20.33 -8.82 3.69
N LEU H 86 19.85 -7.59 3.54
CA LEU H 86 20.16 -6.74 2.36
C LEU H 86 21.66 -6.56 2.26
N VAL H 87 22.25 -6.23 3.40
CA VAL H 87 23.70 -5.96 3.53
C VAL H 87 24.48 -7.20 3.07
N GLU H 88 24.02 -8.34 3.56
CA GLU H 88 24.66 -9.64 3.29
C GLU H 88 24.64 -9.82 1.78
N GLN H 89 23.45 -9.63 1.18
CA GLN H 89 23.23 -10.04 -0.21
C GLN H 89 23.75 -8.92 -1.11
N ALA H 90 24.01 -7.74 -0.55
CA ALA H 90 24.38 -6.49 -1.26
C ALA H 90 25.50 -6.73 -2.28
N PHE H 91 26.36 -7.73 -2.06
CA PHE H 91 27.54 -8.02 -2.90
C PHE H 91 27.37 -9.34 -3.68
N ARG H 92 26.14 -9.90 -3.70
CA ARG H 92 25.83 -11.18 -4.40
C ARG H 92 25.62 -10.91 -5.89
N LYS H 93 26.63 -11.18 -6.72
CA LYS H 93 26.65 -10.81 -8.17
C LYS H 93 25.54 -11.56 -8.91
N ARG H 94 25.24 -11.16 -10.16
CA ARG H 94 24.06 -11.64 -10.94
C ARG H 94 24.53 -12.57 -12.07
N ASN I 1 7.59 9.31 -31.30
CA ASN I 1 8.07 10.23 -30.22
C ASN I 1 6.87 10.70 -29.39
N THR I 2 6.93 10.51 -28.07
CA THR I 2 5.92 10.99 -27.08
C THR I 2 4.54 10.39 -27.41
N ILE I 3 4.50 9.07 -27.66
CA ILE I 3 3.25 8.31 -27.99
C ILE I 3 3.08 7.18 -26.98
N TYR I 4 1.85 6.89 -26.58
CA TYR I 4 1.49 5.67 -25.79
C TYR I 4 1.22 4.53 -26.78
N LEU I 5 1.23 3.27 -26.32
CA LEU I 5 1.11 2.05 -27.17
C LEU I 5 -0.32 1.93 -27.67
N TRP I 6 -1.26 2.10 -26.75
CA TRP I 6 -2.70 2.06 -27.07
C TRP I 6 -2.99 3.10 -28.15
N GLU I 7 -2.42 4.28 -27.98
CA GLU I 7 -2.66 5.39 -28.91
C GLU I 7 -2.17 5.01 -30.30
N PHE I 8 -0.99 4.43 -30.34
CA PHE I 8 -0.35 3.98 -31.59
C PHE I 8 -1.26 2.98 -32.28
N LEU I 9 -1.76 2.05 -31.49
CA LEU I 9 -2.66 0.97 -31.98
C LEU I 9 -3.88 1.60 -32.63
N LEU I 10 -4.44 2.57 -31.92
CA LEU I 10 -5.66 3.28 -32.38
C LEU I 10 -5.38 3.97 -33.70
N ALA I 11 -4.24 4.62 -33.78
CA ALA I 11 -3.79 5.33 -35.00
C ALA I 11 -3.73 4.37 -36.16
N LEU I 12 -3.12 3.22 -35.90
CA LEU I 12 -2.94 2.15 -36.90
C LEU I 12 -4.31 1.72 -37.43
N LEU I 13 -5.22 1.51 -36.49
CA LEU I 13 -6.59 1.07 -36.78
C LEU I 13 -7.25 2.08 -37.71
N GLN I 14 -7.10 3.35 -37.35
CA GLN I 14 -7.67 4.48 -38.11
C GLN I 14 -7.13 4.52 -39.56
N ASP I 15 -5.80 4.51 -39.74
CA ASP I 15 -5.12 4.69 -41.05
C ASP I 15 -5.44 3.51 -41.97
N LYS I 16 -5.66 3.80 -43.26
CA LYS I 16 -6.15 2.83 -44.27
C LYS I 16 -5.05 1.82 -44.62
N ALA I 17 -3.78 2.28 -44.68
CA ALA I 17 -2.61 1.45 -45.07
C ALA I 17 -2.27 0.42 -43.98
N THR I 18 -2.97 0.45 -42.85
CA THR I 18 -2.81 -0.52 -41.73
C THR I 18 -4.19 -0.90 -41.14
N CYS I 19 -5.29 -0.52 -41.81
CA CYS I 19 -6.67 -0.51 -41.24
C CYS I 19 -7.20 -1.93 -41.09
N PRO I 20 -7.10 -2.80 -42.13
CA PRO I 20 -7.33 -4.24 -41.99
C PRO I 20 -6.06 -5.12 -41.87
N LYS I 21 -5.03 -4.80 -42.66
CA LYS I 21 -3.83 -5.63 -42.96
C LYS I 21 -3.15 -6.12 -41.67
N TYR I 22 -2.58 -5.22 -40.85
CA TYR I 22 -1.78 -5.55 -39.64
C TYR I 22 -2.70 -5.61 -38.41
N ILE I 23 -3.75 -4.79 -38.36
CA ILE I 23 -4.79 -4.79 -37.28
C ILE I 23 -6.17 -4.61 -37.90
N LYS I 24 -7.21 -5.19 -37.28
CA LYS I 24 -8.63 -5.09 -37.68
C LYS I 24 -9.48 -4.93 -36.41
N TRP I 25 -10.71 -4.40 -36.57
CA TRP I 25 -11.76 -4.47 -35.53
C TRP I 25 -12.50 -5.80 -35.68
N THR I 26 -12.60 -6.56 -34.60
CA THR I 26 -13.52 -7.71 -34.49
C THR I 26 -14.92 -7.12 -34.31
N GLN I 27 -15.14 -6.48 -33.16
CA GLN I 27 -16.42 -5.86 -32.77
C GLN I 27 -16.15 -4.39 -32.41
N ARG I 28 -15.94 -3.55 -33.44
CA ARG I 28 -15.67 -2.09 -33.29
C ARG I 28 -16.62 -1.50 -32.24
N GLU I 29 -17.90 -1.88 -32.26
CA GLU I 29 -18.94 -1.40 -31.31
C GLU I 29 -18.46 -1.56 -29.85
N LYS I 30 -17.78 -2.66 -29.52
CA LYS I 30 -17.33 -2.98 -28.13
C LYS I 30 -15.83 -2.69 -27.98
N GLY I 31 -15.22 -2.09 -29.00
CA GLY I 31 -13.80 -1.66 -28.98
C GLY I 31 -12.84 -2.82 -29.04
N ILE I 32 -13.31 -4.00 -29.47
CA ILE I 32 -12.52 -5.26 -29.58
C ILE I 32 -11.73 -5.21 -30.90
N PHE I 33 -10.47 -5.59 -30.87
CA PHE I 33 -9.55 -5.56 -32.05
C PHE I 33 -8.58 -6.74 -31.97
N LYS I 34 -8.01 -7.09 -33.13
CA LYS I 34 -7.19 -8.32 -33.32
C LYS I 34 -5.92 -7.93 -34.07
N LEU I 35 -4.77 -8.20 -33.46
CA LEU I 35 -3.45 -8.02 -34.12
C LEU I 35 -3.34 -9.10 -35.19
N VAL I 36 -3.64 -8.77 -36.44
CA VAL I 36 -3.44 -9.72 -37.56
C VAL I 36 -1.96 -10.10 -37.60
N ASP I 37 -1.10 -9.22 -38.11
CA ASP I 37 0.35 -9.47 -38.29
C ASP I 37 1.08 -8.89 -37.08
N SER I 38 1.05 -9.61 -35.96
CA SER I 38 1.48 -9.14 -34.61
C SER I 38 2.87 -8.53 -34.72
N LYS I 39 3.71 -9.26 -35.45
CA LYS I 39 5.17 -9.02 -35.53
C LYS I 39 5.38 -7.61 -36.10
N ALA I 40 4.71 -7.37 -37.22
CA ALA I 40 4.84 -6.12 -37.97
C ALA I 40 4.47 -4.94 -37.09
N VAL I 41 3.35 -5.11 -36.40
CA VAL I 41 2.79 -4.09 -35.48
C VAL I 41 3.82 -3.76 -34.43
N SER I 42 4.39 -4.82 -33.85
CA SER I 42 5.39 -4.71 -32.77
C SER I 42 6.58 -3.90 -33.27
N ARG I 43 7.03 -4.25 -34.47
CA ARG I 43 8.18 -3.62 -35.12
C ARG I 43 7.91 -2.12 -35.25
N LEU I 44 6.72 -1.82 -35.73
CA LEU I 44 6.28 -0.43 -35.98
C LEU I 44 6.34 0.35 -34.66
N TRP I 45 5.81 -0.28 -33.63
CA TRP I 45 5.74 0.31 -32.28
C TRP I 45 7.16 0.65 -31.81
N GLY I 46 8.04 -0.32 -31.99
CA GLY I 46 9.45 -0.20 -31.59
C GLY I 46 10.09 0.97 -32.27
N LYS I 47 9.81 1.10 -33.58
CA LYS I 47 10.32 2.24 -34.37
C LYS I 47 10.18 3.56 -33.60
N HIS I 48 9.10 3.78 -32.84
CA HIS I 48 8.84 5.03 -32.06
C HIS I 48 9.94 5.28 -31.02
N LYS I 49 10.58 4.25 -30.47
CA LYS I 49 11.78 4.39 -29.58
C LYS I 49 13.03 3.92 -30.33
N ASN I 50 13.01 3.93 -31.67
CA ASN I 50 14.09 3.43 -32.58
C ASN I 50 14.16 1.91 -32.56
N LYS I 51 14.35 1.30 -31.38
CA LYS I 51 14.34 -0.17 -31.11
C LYS I 51 13.80 -0.92 -32.32
N PRO I 52 14.59 -1.21 -33.37
CA PRO I 52 14.04 -1.80 -34.59
C PRO I 52 13.43 -3.20 -34.41
N ASP I 53 14.22 -4.17 -33.94
CA ASP I 53 13.72 -5.56 -33.84
C ASP I 53 12.85 -5.71 -32.60
N MET I 54 11.75 -4.96 -32.52
CA MET I 54 10.82 -5.12 -31.38
C MET I 54 9.93 -6.34 -31.63
N ASN I 55 9.94 -7.30 -30.70
CA ASN I 55 9.17 -8.56 -30.89
C ASN I 55 7.82 -8.44 -30.18
N TYR I 56 6.85 -9.22 -30.64
CA TYR I 56 5.51 -9.22 -29.97
C TYR I 56 5.61 -9.81 -28.56
N GLU I 57 6.76 -10.33 -28.15
CA GLU I 57 6.88 -10.84 -26.74
C GLU I 57 7.01 -9.64 -25.79
N THR I 58 7.97 -8.79 -26.13
CA THR I 58 8.25 -7.57 -25.36
C THR I 58 7.00 -6.69 -25.41
N MET I 59 6.48 -6.53 -26.61
CA MET I 59 5.30 -5.65 -26.81
C MET I 59 4.12 -6.22 -26.05
N GLY I 60 3.98 -7.52 -26.06
CA GLY I 60 2.91 -8.20 -25.31
C GLY I 60 2.98 -7.83 -23.87
N ARG I 61 4.15 -7.79 -23.27
CA ARG I 61 4.36 -7.37 -21.88
C ARG I 61 3.69 -6.02 -21.62
N ALA I 62 3.99 -5.08 -22.49
CA ALA I 62 3.40 -3.75 -22.46
C ALA I 62 1.86 -3.81 -22.35
N LEU I 63 1.30 -4.55 -23.30
CA LEU I 63 -0.16 -4.71 -23.39
C LEU I 63 -0.70 -5.29 -22.08
N ARG I 64 -0.01 -6.29 -21.58
CA ARG I 64 -0.38 -6.96 -20.32
C ARG I 64 -0.43 -5.95 -19.20
N TYR I 65 0.56 -5.05 -19.18
CA TYR I 65 0.69 -3.96 -18.20
C TYR I 65 -0.60 -3.15 -18.16
N TYR I 66 -1.07 -2.77 -19.35
CA TYR I 66 -2.32 -2.04 -19.54
C TYR I 66 -3.49 -2.66 -18.78
N TYR I 67 -3.48 -3.97 -18.49
CA TYR I 67 -4.58 -4.70 -17.79
C TYR I 67 -4.89 -4.03 -16.44
N GLN I 68 -3.86 -3.76 -15.63
CA GLN I 68 -4.02 -3.24 -14.25
C GLN I 68 -4.58 -1.82 -14.31
N ARG I 69 -4.03 -0.99 -15.21
CA ARG I 69 -4.46 0.43 -15.44
C ARG I 69 -5.96 0.48 -15.75
N GLY I 70 -6.48 -0.54 -16.45
CA GLY I 70 -7.88 -0.60 -16.93
C GLY I 70 -8.04 0.13 -18.26
N ILE I 71 -7.00 0.16 -19.10
CA ILE I 71 -6.98 0.79 -20.45
C ILE I 71 -7.34 -0.25 -21.52
N LEU I 72 -6.60 -1.36 -21.54
CA LEU I 72 -6.88 -2.58 -22.35
C LEU I 72 -7.31 -3.70 -21.42
N ALA I 73 -7.88 -4.74 -22.03
CA ALA I 73 -8.12 -6.05 -21.40
C ALA I 73 -7.87 -7.13 -22.46
N LYS I 74 -7.66 -8.36 -21.97
CA LYS I 74 -7.47 -9.56 -22.81
C LYS I 74 -8.86 -10.09 -23.18
N VAL I 75 -9.03 -10.45 -24.45
CA VAL I 75 -10.19 -11.24 -24.93
C VAL I 75 -9.82 -12.72 -24.75
N GLU I 76 -10.20 -13.28 -23.59
CA GLU I 76 -9.67 -14.58 -23.08
C GLU I 76 -10.34 -15.72 -23.88
N GLY I 77 -9.65 -16.19 -24.92
CA GLY I 77 -10.13 -17.29 -25.79
C GLY I 77 -9.91 -17.00 -27.26
N GLN I 78 -9.88 -15.71 -27.63
CA GLN I 78 -9.64 -15.28 -29.04
C GLN I 78 -8.16 -14.96 -29.22
N ARG I 79 -7.52 -15.67 -30.16
CA ARG I 79 -6.10 -15.46 -30.52
C ARG I 79 -5.91 -14.03 -31.04
N LEU I 80 -4.94 -13.30 -30.47
CA LEU I 80 -4.46 -11.97 -30.93
C LEU I 80 -5.53 -10.88 -30.76
N VAL I 81 -6.42 -11.02 -29.77
CA VAL I 81 -7.57 -10.08 -29.57
C VAL I 81 -7.55 -9.48 -28.15
N TYR I 82 -7.60 -8.15 -28.09
CA TYR I 82 -7.75 -7.33 -26.85
C TYR I 82 -8.90 -6.31 -27.03
N GLN I 83 -9.30 -5.67 -25.91
CA GLN I 83 -10.47 -4.75 -25.84
C GLN I 83 -10.11 -3.49 -25.05
N PHE I 84 -9.98 -2.35 -25.74
CA PHE I 84 -9.92 -0.99 -25.14
C PHE I 84 -11.10 -0.83 -24.18
N LYS I 85 -10.88 -0.43 -22.94
CA LYS I 85 -11.97 -0.10 -21.97
C LYS I 85 -12.23 1.41 -21.98
N GLU I 86 -11.20 2.23 -22.25
CA GLU I 86 -11.33 3.71 -22.40
C GLU I 86 -11.41 4.00 -23.91
N MET I 87 -12.52 4.62 -24.35
CA MET I 87 -12.73 5.01 -25.77
C MET I 87 -13.75 6.15 -25.87
N PRO I 88 -13.71 6.96 -26.96
CA PRO I 88 -14.77 7.94 -27.21
C PRO I 88 -16.10 7.25 -27.58
N ASN J 1 5.91 -5.40 9.04
CA ASN J 1 4.95 -6.52 8.80
C ASN J 1 4.85 -7.39 10.06
N THR J 2 3.64 -7.54 10.60
CA THR J 2 3.30 -8.40 11.77
C THR J 2 4.12 -7.94 12.99
N ILE J 3 4.18 -6.62 13.22
CA ILE J 3 4.94 -5.99 14.34
C ILE J 3 3.97 -5.16 15.18
N TYR J 4 4.14 -5.19 16.49
CA TYR J 4 3.43 -4.31 17.46
C TYR J 4 4.23 -3.01 17.58
N LEU J 5 3.61 -1.94 18.09
CA LEU J 5 4.21 -0.57 18.20
C LEU J 5 5.28 -0.58 19.27
N TRP J 6 4.94 -1.17 20.42
CA TRP J 6 5.88 -1.30 21.55
C TRP J 6 7.14 -2.02 21.07
N GLU J 7 6.92 -3.07 20.31
CA GLU J 7 8.04 -3.91 19.83
C GLU J 7 8.96 -3.07 18.94
N PHE J 8 8.34 -2.31 18.06
CA PHE J 8 9.05 -1.41 17.13
C PHE J 8 9.91 -0.44 17.93
N LEU J 9 9.29 0.13 18.95
CA LEU J 9 9.94 1.12 19.84
C LEU J 9 11.19 0.49 20.47
N LEU J 10 10.99 -0.72 20.96
CA LEU J 10 12.07 -1.48 21.63
C LEU J 10 13.22 -1.70 20.67
N ALA J 11 12.88 -2.09 19.45
CA ALA J 11 13.85 -2.33 18.38
C ALA J 11 14.67 -1.08 18.13
N LEU J 12 13.96 0.03 18.03
CA LEU J 12 14.56 1.35 17.78
C LEU J 12 15.58 1.66 18.88
N LEU J 13 15.14 1.44 20.10
CA LEU J 13 15.95 1.69 21.31
C LEU J 13 17.24 0.89 21.22
N GLN J 14 17.08 -0.38 20.88
CA GLN J 14 18.19 -1.34 20.78
C GLN J 14 19.22 -0.88 19.71
N ASP J 15 18.77 -0.59 18.48
CA ASP J 15 19.64 -0.29 17.31
C ASP J 15 20.39 1.02 17.54
N LYS J 16 21.66 1.07 17.12
CA LYS J 16 22.61 2.17 17.39
C LYS J 16 22.21 3.42 16.57
N ALA J 17 21.73 3.24 15.34
CA ALA J 17 21.41 4.34 14.40
C ALA J 17 20.14 5.08 14.85
N THR J 18 19.48 4.60 15.91
CA THR J 18 18.27 5.22 16.49
C THR J 18 18.33 5.18 18.02
N CYS J 19 19.48 4.81 18.61
CA CYS J 19 19.63 4.41 20.05
C CYS J 19 19.48 5.60 20.98
N PRO J 20 20.20 6.73 20.71
CA PRO J 20 19.92 8.01 21.38
C PRO J 20 19.06 9.01 20.57
N LYS J 21 19.32 9.10 19.26
CA LYS J 21 18.89 10.18 18.33
C LYS J 21 17.36 10.41 18.40
N TYR J 22 16.55 9.43 17.97
CA TYR J 22 15.07 9.53 17.88
C TYR J 22 14.40 9.08 19.19
N ILE J 23 15.01 8.12 19.91
CA ILE J 23 14.54 7.64 21.24
C ILE J 23 15.76 7.40 22.15
N LYS J 24 15.59 7.59 23.46
CA LYS J 24 16.62 7.33 24.51
C LYS J 24 15.94 6.69 25.72
N TRP J 25 16.72 6.06 26.59
CA TRP J 25 16.27 5.61 27.94
C TRP J 25 16.49 6.77 28.91
N THR J 26 15.45 7.16 29.65
CA THR J 26 15.56 8.02 30.85
C THR J 26 16.15 7.14 31.96
N GLN J 27 15.36 6.17 32.41
CA GLN J 27 15.72 5.23 33.50
C GLN J 27 15.55 3.79 32.98
N ARG J 28 16.50 3.35 32.15
CA ARG J 28 16.50 1.99 31.54
C ARG J 28 16.11 0.94 32.61
N GLU J 29 16.63 1.05 33.84
CA GLU J 29 16.34 0.09 34.93
C GLU J 29 14.83 -0.06 35.14
N LYS J 30 14.06 1.03 35.02
CA LYS J 30 12.59 1.03 35.29
C LYS J 30 11.82 1.02 33.95
N GLY J 31 12.54 0.85 32.83
CA GLY J 31 11.95 0.70 31.49
C GLY J 31 11.37 1.99 30.97
N ILE J 32 11.76 3.13 31.56
CA ILE J 32 11.28 4.49 31.18
C ILE J 32 12.08 4.96 29.97
N PHE J 33 11.41 5.55 28.97
CA PHE J 33 12.03 6.02 27.71
C PHE J 33 11.32 7.29 27.24
N LYS J 34 12.01 8.06 26.39
CA LYS J 34 11.58 9.41 25.95
C LYS J 34 11.73 9.48 24.43
N LEU J 35 10.61 9.75 23.75
CA LEU J 35 10.61 10.01 22.29
C LEU J 35 11.31 11.34 22.06
N VAL J 36 12.59 11.33 21.72
CA VAL J 36 13.32 12.58 21.38
C VAL J 36 12.61 13.23 20.19
N ASP J 37 12.81 12.69 18.98
CA ASP J 37 12.26 13.23 17.72
C ASP J 37 10.95 12.50 17.41
N SER J 38 9.88 12.86 18.11
CA SER J 38 8.58 12.12 18.14
C SER J 38 8.14 11.84 16.70
N LYS J 39 8.27 12.89 15.90
CA LYS J 39 7.71 12.96 14.53
C LYS J 39 8.34 11.83 13.71
N ALA J 40 9.66 11.79 13.76
CA ALA J 40 10.47 10.84 12.98
C ALA J 40 10.06 9.42 13.33
N VAL J 41 9.96 9.18 14.62
CA VAL J 41 9.58 7.87 15.18
C VAL J 41 8.25 7.44 14.60
N SER J 42 7.31 8.38 14.66
CA SER J 42 5.93 8.16 14.19
C SER J 42 5.94 7.75 12.73
N ARG J 43 6.73 8.51 11.97
CA ARG J 43 6.88 8.31 10.50
C ARG J 43 7.34 6.89 10.27
N LEU J 44 8.38 6.52 11.00
CA LEU J 44 9.04 5.21 10.88
C LEU J 44 8.01 4.12 11.12
N TRP J 45 7.25 4.31 12.19
CA TRP J 45 6.20 3.35 12.62
C TRP J 45 5.22 3.15 11.49
N GLY J 46 4.79 4.28 10.91
CA GLY J 46 3.82 4.31 9.80
C GLY J 46 4.34 3.54 8.61
N LYS J 47 5.60 3.77 8.30
CA LYS J 47 6.29 3.15 7.16
C LYS J 47 5.99 1.64 7.09
N HIS J 48 5.91 0.97 8.24
CA HIS J 48 5.70 -0.49 8.36
C HIS J 48 4.32 -0.89 7.80
N LYS J 49 3.30 0.00 7.85
CA LYS J 49 1.99 -0.20 7.18
C LYS J 49 1.88 0.73 5.97
N ASN J 50 3.01 1.16 5.40
CA ASN J 50 3.11 2.11 4.25
C ASN J 50 2.79 3.54 4.70
N LYS J 51 1.58 3.76 5.24
CA LYS J 51 1.10 5.04 5.83
C LYS J 51 2.25 6.03 6.00
N PRO J 52 2.70 6.76 4.95
CA PRO J 52 3.91 7.58 5.06
C PRO J 52 3.81 8.70 6.10
N ASP J 53 2.89 9.63 5.92
CA ASP J 53 2.83 10.80 6.84
C ASP J 53 2.12 10.40 8.13
N MET J 54 2.76 9.54 8.93
CA MET J 54 2.16 9.19 10.23
C MET J 54 2.53 10.28 11.25
N ASN J 55 1.52 10.91 11.85
CA ASN J 55 1.79 12.01 12.81
C ASN J 55 1.79 11.46 14.23
N TYR J 56 2.61 12.06 15.09
CA TYR J 56 2.64 11.62 16.52
C TYR J 56 1.25 11.78 17.17
N GLU J 57 0.27 12.36 16.47
CA GLU J 57 -1.09 12.47 17.08
C GLU J 57 -1.77 11.10 16.99
N THR J 58 -1.77 10.58 15.77
CA THR J 58 -2.35 9.26 15.49
C THR J 58 -1.59 8.21 16.31
N MET J 59 -0.27 8.31 16.23
CA MET J 59 0.59 7.32 16.92
C MET J 59 0.36 7.44 18.42
N GLY J 60 0.21 8.64 18.91
CA GLY J 60 -0.05 8.87 20.35
C GLY J 60 -1.28 8.12 20.76
N ARG J 61 -2.34 8.14 19.96
CA ARG J 61 -3.58 7.38 20.22
C ARG J 61 -3.26 5.92 20.51
N ALA J 62 -2.46 5.33 19.63
CA ALA J 62 -2.00 3.95 19.76
C ALA J 62 -1.38 3.71 21.15
N LEU J 63 -0.43 4.57 21.48
CA LEU J 63 0.28 4.47 22.75
C LEU J 63 -0.70 4.54 23.93
N ARG J 64 -1.62 5.47 23.81
CA ARG J 64 -2.66 5.67 24.83
C ARG J 64 -3.43 4.38 25.03
N TYR J 65 -3.76 3.73 23.92
CA TYR J 65 -4.48 2.44 23.88
C TYR J 65 -3.79 1.43 24.78
N TYR J 66 -2.47 1.33 24.61
CA TYR J 66 -1.60 0.47 25.41
C TYR J 66 -1.83 0.61 26.91
N TYR J 67 -2.32 1.78 27.39
CA TYR J 67 -2.56 2.05 28.84
C TYR J 67 -3.48 0.99 29.45
N GLN J 68 -4.61 0.69 28.80
CA GLN J 68 -5.65 -0.22 29.32
C GLN J 68 -5.10 -1.65 29.36
N ARG J 69 -4.42 -2.07 28.28
CA ARG J 69 -3.76 -3.41 28.17
C ARG J 69 -2.79 -3.63 29.33
N GLY J 70 -2.13 -2.58 29.81
CA GLY J 70 -1.08 -2.63 30.86
C GLY J 70 0.29 -2.93 30.28
N ILE J 71 0.55 -2.52 29.03
CA ILE J 71 1.82 -2.77 28.28
C ILE J 71 2.74 -1.55 28.45
N LEU J 72 2.23 -0.37 28.10
CA LEU J 72 2.87 0.96 28.36
C LEU J 72 2.07 1.69 29.42
N ALA J 73 2.69 2.74 29.98
CA ALA J 73 2.02 3.74 30.84
C ALA J 73 2.63 5.11 30.54
N LYS J 74 1.90 6.16 30.90
CA LYS J 74 2.33 7.57 30.75
C LYS J 74 3.21 7.92 31.96
N VAL J 75 4.33 8.60 31.70
CA VAL J 75 5.14 9.28 32.74
C VAL J 75 4.54 10.69 32.92
N GLU J 76 3.61 10.82 33.87
CA GLU J 76 2.71 12.00 34.01
C GLU J 76 3.51 13.18 34.56
N GLY J 77 4.00 14.04 33.67
CA GLY J 77 4.77 15.26 34.01
C GLY J 77 6.00 15.43 33.15
N GLN J 78 6.53 14.33 32.61
CA GLN J 78 7.71 14.36 31.70
C GLN J 78 7.22 14.37 30.25
N ARG J 79 7.61 15.40 29.51
CA ARG J 79 7.31 15.55 28.07
CA ARG J 79 7.31 15.54 28.06
C ARG J 79 7.95 14.39 27.30
N LEU J 80 7.15 13.69 26.49
CA LEU J 80 7.57 12.64 25.52
C LEU J 80 8.12 11.40 26.24
N VAL J 81 7.64 11.09 27.44
CA VAL J 81 8.16 9.95 28.25
C VAL J 81 7.03 8.99 28.64
N TYR J 82 7.23 7.70 28.34
CA TYR J 82 6.36 6.54 28.71
C TYR J 82 7.23 5.43 29.35
N GLN J 83 6.56 4.44 29.96
CA GLN J 83 7.19 3.33 30.74
C GLN J 83 6.55 1.99 30.36
N PHE J 84 7.29 1.14 29.64
CA PHE J 84 6.97 -0.30 29.44
C PHE J 84 6.71 -0.95 30.80
N LYS J 85 5.59 -1.64 30.98
CA LYS J 85 5.30 -2.40 32.23
C LYS J 85 5.68 -3.87 32.05
N GLU J 86 5.57 -4.38 30.82
CA GLU J 86 6.00 -5.76 30.44
C GLU J 86 7.41 -5.66 29.84
N MET J 87 8.38 -6.35 30.47
CA MET J 87 9.82 -6.35 30.07
C MET J 87 10.53 -7.53 30.74
N PRO J 88 11.68 -7.99 30.20
CA PRO J 88 12.51 -8.99 30.89
C PRO J 88 13.12 -8.46 32.19
C1 GOL K . -0.13 37.81 26.18
O1 GOL K . -1.49 38.22 26.17
C2 GOL K . 0.59 38.46 25.01
O2 GOL K . 1.58 37.60 24.44
C3 GOL K . -0.33 38.95 23.92
O3 GOL K . 0.42 39.15 22.73
#